data_3DNJ
#
_entry.id   3DNJ
#
_cell.length_a   33.693
_cell.length_b   53.974
_cell.length_c   44.824
_cell.angle_alpha   90.00
_cell.angle_beta   110.39
_cell.angle_gamma   90.00
#
_symmetry.space_group_name_H-M   'P 1 21 1'
#
loop_
_entity.id
_entity.type
_entity.pdbx_description
1 polymer 'ATP-dependent Clp protease adapter protein clpS'
2 polymer 'synthetic N-end rule peptide'
3 non-polymer 'MAGNESIUM ION'
4 water water
#
loop_
_entity_poly.entity_id
_entity_poly.type
_entity_poly.pdbx_seq_one_letter_code
_entity_poly.pdbx_strand_id
1 'polypeptide(L)'
;TQKPSLYRVLILNDDYTPMEFVVYVLERFFNKSREDATRIMLHVHQNGVGVCGVYTYEVAETKVAQVIDSARRHQHPLQC
TMEKD
;
A,B
2 'polypeptide(L)' YLFVQRDSKE C,D
#
loop_
_chem_comp.id
_chem_comp.type
_chem_comp.name
_chem_comp.formula
MG non-polymer 'MAGNESIUM ION' 'Mg 2'
#
# COMPACT_ATOMS: atom_id res chain seq x y z
N LEU A 6 -12.12 11.36 -7.83
CA LEU A 6 -12.12 9.93 -8.06
C LEU A 6 -11.23 9.24 -7.04
N TYR A 7 -11.41 7.93 -6.92
CA TYR A 7 -10.77 7.14 -5.88
C TYR A 7 -10.12 5.93 -6.51
N ARG A 8 -8.87 5.67 -6.14
CA ARG A 8 -8.16 4.50 -6.59
C ARG A 8 -8.39 3.36 -5.58
N VAL A 9 -8.62 2.17 -6.12
CA VAL A 9 -8.73 0.94 -5.35
C VAL A 9 -7.37 0.26 -5.35
N LEU A 10 -6.91 -0.09 -4.15
CA LEU A 10 -5.60 -0.67 -3.92
C LEU A 10 -5.73 -2.06 -3.36
N ILE A 11 -4.83 -2.95 -3.78
CA ILE A 11 -4.62 -4.21 -3.06
C ILE A 11 -3.25 -4.18 -2.43
N LEU A 12 -3.16 -4.83 -1.28
CA LEU A 12 -1.93 -4.88 -0.50
C LEU A 12 -1.36 -6.27 -0.55
N ASN A 13 -0.04 -6.37 -0.51
CA ASN A 13 0.61 -7.65 -0.48
C ASN A 13 0.40 -8.34 0.87
N ASP A 14 0.41 -9.66 0.85
CA ASP A 14 0.50 -10.45 2.06
C ASP A 14 1.19 -11.76 1.69
N ASP A 15 1.52 -12.56 2.68
CA ASP A 15 2.30 -13.78 2.44
C ASP A 15 1.45 -15.02 2.31
N TYR A 16 0.13 -14.87 2.27
CA TYR A 16 -0.80 -15.97 2.33
C TYR A 16 -1.65 -16.15 1.07
N THR A 17 -2.12 -15.06 0.50
CA THR A 17 -3.02 -15.13 -0.62
C THR A 17 -2.25 -15.65 -1.86
N PRO A 18 -2.77 -16.70 -2.54
CA PRO A 18 -2.10 -17.19 -3.73
C PRO A 18 -2.02 -16.16 -4.84
N MET A 19 -0.91 -16.12 -5.56
CA MET A 19 -0.77 -15.26 -6.71
C MET A 19 -1.90 -15.45 -7.70
N GLU A 20 -2.31 -16.69 -7.94
CA GLU A 20 -3.36 -16.93 -8.91
C GLU A 20 -4.70 -16.37 -8.46
N PHE A 21 -4.94 -16.31 -7.16
CA PHE A 21 -6.19 -15.71 -6.69
C PHE A 21 -6.19 -14.21 -6.92
N VAL A 22 -5.04 -13.56 -6.72
CA VAL A 22 -4.95 -12.14 -7.00
C VAL A 22 -5.18 -11.86 -8.48
N VAL A 23 -4.60 -12.69 -9.36
CA VAL A 23 -4.85 -12.56 -10.79
C VAL A 23 -6.36 -12.70 -11.08
N TYR A 24 -7.00 -13.70 -10.49
CA TYR A 24 -8.44 -13.89 -10.61
C TYR A 24 -9.20 -12.64 -10.20
N VAL A 25 -8.87 -12.06 -9.04
CA VAL A 25 -9.56 -10.88 -8.56
C VAL A 25 -9.45 -9.73 -9.57
N LEU A 26 -8.25 -9.51 -10.08
CA LEU A 26 -8.02 -8.42 -11.01
C LEU A 26 -8.78 -8.62 -12.33
N GLU A 27 -8.82 -9.86 -12.81
CA GLU A 27 -9.58 -10.17 -14.00
C GLU A 27 -11.07 -9.98 -13.78
N ARG A 28 -11.58 -10.52 -12.67
CA ARG A 28 -13.03 -10.58 -12.45
CA ARG A 28 -13.03 -10.58 -12.44
C ARG A 28 -13.61 -9.24 -12.00
N PHE A 29 -12.98 -8.62 -11.01
CA PHE A 29 -13.56 -7.41 -10.42
C PHE A 29 -13.06 -6.11 -11.03
N PHE A 30 -11.95 -6.17 -11.76
CA PHE A 30 -11.37 -4.96 -12.33
C PHE A 30 -11.18 -5.04 -13.85
N ASN A 31 -11.71 -6.09 -14.47
CA ASN A 31 -11.71 -6.21 -15.93
C ASN A 31 -10.33 -6.15 -16.54
N LYS A 32 -9.34 -6.68 -15.83
CA LYS A 32 -7.99 -6.73 -16.36
C LYS A 32 -7.79 -7.97 -17.22
N SER A 33 -7.06 -7.80 -18.31
CA SER A 33 -6.65 -8.94 -19.12
C SER A 33 -5.74 -9.82 -18.27
N ARG A 34 -5.55 -11.06 -18.68
CA ARG A 34 -4.65 -11.95 -17.94
C ARG A 34 -3.27 -11.34 -17.77
N GLU A 35 -2.69 -10.79 -18.84
CA GLU A 35 -1.36 -10.22 -18.73
C GLU A 35 -1.33 -8.99 -17.84
N ASP A 36 -2.34 -8.12 -17.94
CA ASP A 36 -2.36 -6.93 -17.12
C ASP A 36 -2.56 -7.28 -15.64
N ALA A 37 -3.42 -8.26 -15.39
CA ALA A 37 -3.63 -8.75 -14.05
C ALA A 37 -2.33 -9.33 -13.47
N THR A 38 -1.61 -10.07 -14.28
CA THR A 38 -0.33 -10.65 -13.85
C THR A 38 0.68 -9.53 -13.53
N ARG A 39 0.73 -8.52 -14.38
CA ARG A 39 1.60 -7.38 -14.16
C ARG A 39 1.35 -6.67 -12.83
N ILE A 40 0.08 -6.37 -12.58
CA ILE A 40 -0.28 -5.69 -11.35
C ILE A 40 0.00 -6.59 -10.14
N MET A 41 -0.37 -7.86 -10.23
CA MET A 41 -0.08 -8.80 -9.15
C MET A 41 1.39 -8.82 -8.80
N LEU A 42 2.25 -8.86 -9.82
CA LEU A 42 3.68 -8.94 -9.57
C LEU A 42 4.19 -7.64 -8.97
N HIS A 43 3.63 -6.52 -9.42
CA HIS A 43 4.01 -5.24 -8.86
C HIS A 43 3.69 -5.17 -7.37
N VAL A 44 2.53 -5.69 -6.98
CA VAL A 44 2.12 -5.71 -5.59
C VAL A 44 3.00 -6.67 -4.78
N HIS A 45 3.25 -7.85 -5.33
CA HIS A 45 4.10 -8.82 -4.67
C HIS A 45 5.46 -8.22 -4.34
N GLN A 46 6.02 -7.44 -5.25
CA GLN A 46 7.34 -6.86 -5.07
CA GLN A 46 7.34 -6.86 -5.08
CA GLN A 46 7.34 -6.86 -5.07
C GLN A 46 7.36 -5.57 -4.26
N ASN A 47 6.33 -4.74 -4.39
CA ASN A 47 6.37 -3.39 -3.82
C ASN A 47 5.40 -3.14 -2.69
N GLY A 48 4.46 -4.06 -2.46
CA GLY A 48 3.61 -4.00 -1.29
C GLY A 48 2.18 -3.56 -1.55
N VAL A 49 1.94 -2.86 -2.66
CA VAL A 49 0.66 -2.24 -2.94
C VAL A 49 0.61 -1.98 -4.46
N GLY A 50 -0.60 -1.90 -4.98
CA GLY A 50 -0.79 -1.57 -6.36
C GLY A 50 -2.21 -1.15 -6.65
N VAL A 51 -2.37 -0.45 -7.77
CA VAL A 51 -3.64 0.12 -8.17
C VAL A 51 -4.44 -0.82 -9.07
N CYS A 52 -5.68 -1.07 -8.68
CA CYS A 52 -6.61 -1.97 -9.39
C CYS A 52 -7.48 -1.22 -10.38
N GLY A 53 -7.81 0.02 -10.07
CA GLY A 53 -8.69 0.83 -10.91
C GLY A 53 -9.03 2.12 -10.21
N VAL A 54 -9.69 3.01 -10.94
CA VAL A 54 -10.06 4.33 -10.45
C VAL A 54 -11.53 4.55 -10.78
N TYR A 55 -12.30 4.95 -9.77
CA TYR A 55 -13.75 4.99 -9.89
C TYR A 55 -14.30 6.14 -9.05
N THR A 56 -15.58 6.45 -9.24
CA THR A 56 -16.27 7.32 -8.30
C THR A 56 -16.27 6.64 -6.92
N TYR A 57 -16.48 7.42 -5.87
CA TYR A 57 -16.35 6.93 -4.51
C TYR A 57 -17.21 5.69 -4.25
N GLU A 58 -18.48 5.73 -4.62
CA GLU A 58 -19.40 4.64 -4.31
CA GLU A 58 -19.38 4.65 -4.29
C GLU A 58 -19.08 3.37 -5.08
N VAL A 59 -18.60 3.52 -6.32
CA VAL A 59 -18.19 2.38 -7.10
C VAL A 59 -16.89 1.79 -6.52
N ALA A 60 -15.94 2.64 -6.13
CA ALA A 60 -14.74 2.15 -5.46
C ALA A 60 -15.10 1.36 -4.20
N GLU A 61 -16.05 1.87 -3.39
CA GLU A 61 -16.47 1.16 -2.18
C GLU A 61 -17.03 -0.20 -2.55
N THR A 62 -17.79 -0.24 -3.63
CA THR A 62 -18.41 -1.48 -4.09
C THR A 62 -17.34 -2.50 -4.46
N LYS A 63 -16.34 -2.06 -5.21
CA LYS A 63 -15.27 -2.96 -5.64
C LYS A 63 -14.45 -3.47 -4.44
N VAL A 64 -14.12 -2.59 -3.51
CA VAL A 64 -13.39 -3.01 -2.33
C VAL A 64 -14.18 -4.09 -1.60
N ALA A 65 -15.48 -3.86 -1.41
CA ALA A 65 -16.34 -4.80 -0.72
C ALA A 65 -16.39 -6.12 -1.47
N GLN A 66 -16.52 -6.08 -2.78
CA GLN A 66 -16.57 -7.31 -3.55
C GLN A 66 -15.28 -8.12 -3.43
N VAL A 67 -14.14 -7.45 -3.41
CA VAL A 67 -12.87 -8.14 -3.24
C VAL A 67 -12.76 -8.77 -1.86
N ILE A 68 -13.09 -8.03 -0.81
CA ILE A 68 -12.98 -8.59 0.53
CA ILE A 68 -13.00 -8.58 0.54
C ILE A 68 -13.92 -9.78 0.70
N ASP A 69 -15.16 -9.65 0.24
CA ASP A 69 -16.12 -10.74 0.28
C ASP A 69 -15.55 -11.97 -0.41
N SER A 70 -15.08 -11.83 -1.65
CA SER A 70 -14.54 -12.96 -2.38
C SER A 70 -13.35 -13.55 -1.65
N ALA A 71 -12.41 -12.70 -1.23
CA ALA A 71 -11.22 -13.20 -0.57
C ALA A 71 -11.54 -14.00 0.68
N ARG A 72 -12.35 -13.45 1.57
CA ARG A 72 -12.64 -14.14 2.81
C ARG A 72 -13.41 -15.44 2.58
N ARG A 73 -14.36 -15.46 1.64
CA ARG A 73 -15.06 -16.71 1.34
C ARG A 73 -14.14 -17.77 0.76
N HIS A 74 -13.05 -17.35 0.12
CA HIS A 74 -12.01 -18.26 -0.37
C HIS A 74 -10.88 -18.44 0.64
N GLN A 75 -11.11 -18.04 1.88
CA GLN A 75 -10.15 -18.30 2.96
CA GLN A 75 -10.16 -18.24 2.99
C GLN A 75 -8.80 -17.61 2.72
N HIS A 76 -8.83 -16.41 2.16
CA HIS A 76 -7.61 -15.62 1.96
C HIS A 76 -7.74 -14.29 2.69
N PRO A 77 -6.63 -13.80 3.26
CA PRO A 77 -6.67 -12.56 4.05
C PRO A 77 -6.42 -11.29 3.23
N LEU A 78 -6.45 -11.39 1.92
CA LEU A 78 -6.17 -10.27 1.01
C LEU A 78 -6.83 -8.98 1.47
N GLN A 79 -6.04 -7.93 1.58
CA GLN A 79 -6.51 -6.62 1.97
CA GLN A 79 -6.54 -6.62 1.97
C GLN A 79 -6.70 -5.73 0.75
N CYS A 80 -7.79 -4.99 0.75
CA CYS A 80 -8.15 -4.11 -0.33
C CYS A 80 -8.70 -2.85 0.31
N THR A 81 -8.27 -1.71 -0.20
CA THR A 81 -8.63 -0.42 0.37
C THR A 81 -8.72 0.61 -0.75
N MET A 82 -8.99 1.85 -0.41
CA MET A 82 -9.10 2.89 -1.42
C MET A 82 -8.48 4.19 -0.89
N GLU A 83 -8.03 5.02 -1.80
CA GLU A 83 -7.64 6.38 -1.44
CA GLU A 83 -7.45 6.34 -1.53
C GLU A 83 -7.98 7.32 -2.58
N LYS A 84 -8.05 8.60 -2.23
CA LYS A 84 -8.30 9.62 -3.23
CA LYS A 84 -8.31 9.61 -3.23
C LYS A 84 -7.26 9.50 -4.32
N ASP A 85 -7.70 9.58 -5.57
CA ASP A 85 -6.80 9.48 -6.70
C ASP A 85 -6.09 10.79 -6.95
N SER B 5 4.04 15.29 -14.25
CA SER B 5 3.46 14.13 -13.59
C SER B 5 4.08 13.90 -12.23
N LEU B 6 3.30 13.97 -11.16
CA LEU B 6 3.87 13.85 -9.83
C LEU B 6 3.58 12.46 -9.26
N TYR B 7 4.31 12.12 -8.20
CA TYR B 7 4.30 10.77 -7.64
CA TYR B 7 4.31 10.78 -7.64
C TYR B 7 4.12 10.86 -6.13
N ARG B 8 3.21 10.05 -5.62
CA ARG B 8 2.99 9.95 -4.19
C ARG B 8 3.90 8.88 -3.62
N VAL B 9 4.48 9.19 -2.46
CA VAL B 9 5.30 8.24 -1.71
C VAL B 9 4.41 7.63 -0.65
N LEU B 10 4.45 6.30 -0.57
CA LEU B 10 3.62 5.51 0.31
C LEU B 10 4.48 4.74 1.30
N ILE B 11 3.98 4.59 2.52
CA ILE B 11 4.53 3.62 3.45
C ILE B 11 3.47 2.56 3.73
N LEU B 12 3.95 1.36 4.00
CA LEU B 12 3.12 0.20 4.25
C LEU B 12 3.19 -0.16 5.70
N ASN B 13 2.07 -0.64 6.23
CA ASN B 13 2.04 -1.16 7.57
C ASN B 13 2.84 -2.45 7.67
N ASP B 14 3.41 -2.69 8.84
CA ASP B 14 3.96 -3.99 9.17
C ASP B 14 3.83 -4.18 10.68
N ASP B 15 4.10 -5.39 11.15
N ASP B 15 4.15 -5.38 11.14
CA ASP B 15 3.96 -5.72 12.56
CA ASP B 15 3.96 -5.75 12.54
C ASP B 15 5.33 -5.83 13.23
C ASP B 15 5.24 -5.65 13.35
N TYR B 16 6.24 -4.94 12.88
N TYR B 16 6.27 -5.00 12.83
CA TYR B 16 7.60 -4.98 13.41
CA TYR B 16 7.55 -4.92 13.51
C TYR B 16 8.17 -3.58 13.68
C TYR B 16 7.95 -3.48 13.81
N THR B 17 7.86 -2.63 12.81
CA THR B 17 8.41 -1.29 12.94
CA THR B 17 8.39 -1.27 12.92
C THR B 17 7.65 -0.53 14.03
N PRO B 18 8.38 0.07 14.99
N PRO B 18 8.39 0.07 14.98
CA PRO B 18 7.73 0.82 16.06
CA PRO B 18 7.66 0.77 16.04
C PRO B 18 7.01 2.07 15.55
C PRO B 18 6.97 2.03 15.51
N MET B 19 5.81 2.32 16.09
CA MET B 19 5.05 3.51 15.74
C MET B 19 5.90 4.78 15.83
N GLU B 20 6.71 4.87 16.88
CA GLU B 20 7.52 6.06 17.10
C GLU B 20 8.55 6.28 15.99
N PHE B 21 9.07 5.20 15.43
CA PHE B 21 9.99 5.34 14.32
C PHE B 21 9.29 5.86 13.07
N VAL B 22 8.08 5.40 12.83
CA VAL B 22 7.31 5.86 11.69
C VAL B 22 7.04 7.37 11.82
N VAL B 23 6.65 7.83 13.01
CA VAL B 23 6.45 9.25 13.23
C VAL B 23 7.75 10.01 12.95
N TYR B 24 8.86 9.50 13.47
CA TYR B 24 10.18 10.09 13.24
C TYR B 24 10.49 10.21 11.75
N VAL B 25 10.22 9.17 10.98
CA VAL B 25 10.46 9.19 9.54
C VAL B 25 9.62 10.25 8.85
N LEU B 26 8.36 10.33 9.23
CA LEU B 26 7.47 11.30 8.61
C LEU B 26 7.90 12.74 8.90
N GLU B 27 8.36 12.99 10.11
CA GLU B 27 8.86 14.30 10.47
C GLU B 27 10.18 14.60 9.78
N ARG B 28 11.06 13.61 9.70
CA ARG B 28 12.41 13.83 9.19
C ARG B 28 12.47 13.98 7.68
N PHE B 29 11.75 13.13 6.96
CA PHE B 29 11.89 13.05 5.51
C PHE B 29 10.73 13.67 4.73
N PHE B 30 9.60 13.94 5.38
CA PHE B 30 8.42 14.39 4.67
C PHE B 30 7.86 15.70 5.22
N ASN B 31 8.65 16.38 6.05
CA ASN B 31 8.29 17.68 6.57
C ASN B 31 6.94 17.72 7.29
N LYS B 32 6.57 16.63 7.95
CA LYS B 32 5.28 16.59 8.61
C LYS B 32 5.34 17.20 10.00
N SER B 33 4.29 17.92 10.37
CA SER B 33 4.14 18.38 11.73
C SER B 33 3.97 17.16 12.62
N ARG B 34 4.15 17.34 13.91
CA ARG B 34 3.98 16.25 14.84
CA ARG B 34 3.98 16.23 14.83
C ARG B 34 2.57 15.65 14.72
N GLU B 35 1.57 16.52 14.66
CA GLU B 35 0.20 16.06 14.59
C GLU B 35 -0.06 15.31 13.28
N ASP B 36 0.41 15.86 12.15
CA ASP B 36 0.15 15.21 10.89
C ASP B 36 0.91 13.88 10.79
N ALA B 37 2.14 13.83 11.29
CA ALA B 37 2.93 12.61 11.29
C ALA B 37 2.22 11.54 12.11
N THR B 38 1.69 11.94 13.25
CA THR B 38 0.99 10.99 14.11
C THR B 38 -0.25 10.44 13.41
N ARG B 39 -1.03 11.32 12.80
CA ARG B 39 -2.25 10.90 12.12
C ARG B 39 -1.96 10.01 10.91
N ILE B 40 -0.93 10.30 10.14
CA ILE B 40 -0.59 9.46 9.00
C ILE B 40 -0.12 8.09 9.49
N MET B 41 0.73 8.07 10.50
CA MET B 41 1.20 6.80 11.07
C MET B 41 0.01 5.96 11.49
N LEU B 42 -0.95 6.57 12.15
CA LEU B 42 -2.11 5.82 12.63
C LEU B 42 -3.00 5.36 11.47
N HIS B 43 -3.14 6.19 10.46
CA HIS B 43 -3.88 5.81 9.28
C HIS B 43 -3.26 4.59 8.60
N VAL B 44 -1.95 4.52 8.55
CA VAL B 44 -1.25 3.41 7.94
C VAL B 44 -1.45 2.15 8.81
N HIS B 45 -1.32 2.32 10.11
CA HIS B 45 -1.58 1.24 11.04
C HIS B 45 -2.99 0.64 10.86
N GLN B 46 -3.97 1.50 10.62
CA GLN B 46 -5.36 1.11 10.51
C GLN B 46 -5.76 0.60 9.13
N ASN B 47 -5.14 1.12 8.07
CA ASN B 47 -5.58 0.85 6.72
C ASN B 47 -4.57 0.10 5.87
N GLY B 48 -3.34 -0.03 6.35
CA GLY B 48 -2.33 -0.84 5.69
C GLY B 48 -1.33 -0.06 4.86
N VAL B 49 -1.69 1.16 4.50
CA VAL B 49 -0.90 1.97 3.57
C VAL B 49 -1.33 3.42 3.80
N GLY B 50 -0.45 4.35 3.48
CA GLY B 50 -0.76 5.78 3.55
C GLY B 50 0.23 6.62 2.78
N VAL B 51 -0.17 7.86 2.52
CA VAL B 51 0.59 8.77 1.69
C VAL B 51 1.45 9.70 2.55
N CYS B 52 2.73 9.75 2.21
CA CYS B 52 3.72 10.54 2.93
C CYS B 52 3.96 11.92 2.30
N GLY B 53 3.79 12.02 0.99
CA GLY B 53 4.06 13.26 0.27
C GLY B 53 3.96 13.03 -1.21
N VAL B 54 4.02 14.12 -1.97
CA VAL B 54 3.90 14.08 -3.43
C VAL B 54 5.04 14.93 -4.01
N TYR B 55 5.77 14.36 -4.96
CA TYR B 55 7.00 14.95 -5.50
C TYR B 55 7.14 14.63 -6.98
N THR B 56 8.09 15.26 -7.63
CA THR B 56 8.48 14.81 -8.98
C THR B 56 9.04 13.40 -8.88
N TYR B 57 9.07 12.70 -10.00
CA TYR B 57 9.47 11.28 -10.01
C TYR B 57 10.80 11.05 -9.32
N GLU B 58 11.83 11.82 -9.67
CA GLU B 58 13.16 11.55 -9.17
C GLU B 58 13.29 11.91 -7.70
N VAL B 59 12.57 12.92 -7.26
CA VAL B 59 12.55 13.27 -5.84
C VAL B 59 11.78 12.21 -5.03
N ALA B 60 10.67 11.73 -5.56
CA ALA B 60 9.95 10.63 -4.91
C ALA B 60 10.87 9.42 -4.77
N GLU B 61 11.64 9.10 -5.83
CA GLU B 61 12.55 7.96 -5.73
C GLU B 61 13.59 8.19 -4.64
N THR B 62 14.04 9.43 -4.52
CA THR B 62 15.01 9.81 -3.50
C THR B 62 14.44 9.60 -2.11
N LYS B 63 13.21 10.06 -1.88
CA LYS B 63 12.57 9.92 -0.58
C LYS B 63 12.38 8.44 -0.24
N VAL B 64 11.92 7.63 -1.19
CA VAL B 64 11.73 6.20 -0.95
C VAL B 64 13.05 5.60 -0.50
N ALA B 65 14.12 5.92 -1.23
CA ALA B 65 15.42 5.37 -0.93
C ALA B 65 15.90 5.82 0.44
N GLN B 66 15.69 7.09 0.78
CA GLN B 66 16.12 7.59 2.07
C GLN B 66 15.38 6.91 3.21
N VAL B 67 14.09 6.63 3.04
CA VAL B 67 13.32 5.93 4.05
C VAL B 67 13.81 4.50 4.25
N ILE B 68 14.03 3.79 3.15
CA ILE B 68 14.50 2.42 3.25
CA ILE B 68 14.50 2.42 3.25
C ILE B 68 15.88 2.35 3.92
N ASP B 69 16.78 3.20 3.47
CA ASP B 69 18.11 3.29 4.08
C ASP B 69 18.00 3.54 5.59
N SER B 70 17.23 4.54 5.97
CA SER B 70 17.06 4.86 7.37
C SER B 70 16.45 3.67 8.12
N ALA B 71 15.39 3.10 7.58
CA ALA B 71 14.74 2.00 8.29
C ALA B 71 15.66 0.84 8.53
N ARG B 72 16.37 0.40 7.50
CA ARG B 72 17.24 -0.76 7.66
C ARG B 72 18.39 -0.45 8.61
N ARG B 73 18.94 0.76 8.58
CA ARG B 73 20.01 1.11 9.50
C ARG B 73 19.51 1.23 10.95
N HIS B 74 18.21 1.39 11.12
CA HIS B 74 17.56 1.36 12.43
C HIS B 74 16.98 -0.03 12.75
N GLN B 75 17.32 -1.02 11.92
CA GLN B 75 16.92 -2.38 12.18
CA GLN B 75 16.92 -2.41 12.10
C GLN B 75 15.41 -2.62 12.09
N HIS B 76 14.73 -1.93 11.15
CA HIS B 76 13.31 -2.09 10.96
C HIS B 76 13.02 -2.45 9.50
N PRO B 77 11.98 -3.26 9.27
CA PRO B 77 11.67 -3.73 7.92
C PRO B 77 10.71 -2.84 7.13
N LEU B 78 10.44 -1.64 7.61
CA LEU B 78 9.50 -0.70 7.00
C LEU B 78 9.65 -0.68 5.48
N GLN B 79 8.52 -0.85 4.78
CA GLN B 79 8.45 -0.82 3.33
C GLN B 79 7.91 0.52 2.87
N CYS B 80 8.52 1.03 1.81
CA CYS B 80 8.19 2.32 1.25
C CYS B 80 8.25 2.21 -0.26
N THR B 81 7.30 2.81 -0.94
CA THR B 81 7.21 2.73 -2.39
C THR B 81 6.58 4.00 -2.95
N MET B 82 6.33 4.05 -4.24
CA MET B 82 5.74 5.23 -4.83
C MET B 82 4.80 4.83 -5.96
N GLU B 83 3.87 5.72 -6.27
CA GLU B 83 2.90 5.52 -7.34
C GLU B 83 2.65 6.85 -7.99
N LYS B 84 2.28 6.85 -9.25
CA LYS B 84 1.80 8.08 -9.89
CA LYS B 84 1.82 8.07 -9.89
C LYS B 84 0.68 8.68 -9.05
N ASP B 85 0.72 9.98 -8.85
CA ASP B 85 -0.28 10.65 -8.04
C ASP B 85 -1.57 10.89 -8.80
N TYR C 1 2.83 -12.33 -2.10
CA TYR C 1 1.80 -13.37 -2.29
C TYR C 1 2.48 -14.71 -2.40
N LEU C 2 1.68 -15.76 -2.30
CA LEU C 2 2.19 -17.13 -2.29
CA LEU C 2 2.19 -17.13 -2.30
C LEU C 2 2.16 -17.73 -3.69
N PHE C 3 3.29 -18.31 -4.10
CA PHE C 3 3.39 -18.94 -5.41
C PHE C 3 3.29 -20.45 -5.27
N TYR D 1 1.75 -1.37 12.95
CA TYR D 1 3.04 -1.04 13.58
C TYR D 1 3.01 -1.44 15.04
N LEU D 2 4.18 -1.49 15.67
CA LEU D 2 4.30 -1.90 17.06
C LEU D 2 4.14 -0.76 18.04
N PHE D 3 3.44 -1.08 19.13
CA PHE D 3 3.26 -0.16 20.26
C PHE D 3 2.21 0.91 19.98
MG MG E . -4.26 12.49 -8.83
#